data_1GP4
#
_entry.id   1GP4
#
_cell.length_a   61.073
_cell.length_b   72.993
_cell.length_c   87.425
_cell.angle_alpha   90.00
_cell.angle_beta   90.00
_cell.angle_gamma   90.00
#
_symmetry.space_group_name_H-M   'P 21 21 21'
#
loop_
_entity.id
_entity.type
_entity.pdbx_description
1 polymer 'ANTHOCYANIDIN SYNTHASE'
2 non-polymer '2-OXOGLUTARIC ACID'
3 non-polymer '2-(N-MORPHOLINO)-ETHANESULFONIC ACID'
4 water water
#
_entity_poly.entity_id   1
_entity_poly.type   'polypeptide(L)'
_entity_poly.pdbx_seq_one_letter_code
;(MSE)VAVERVESLAKSGIISIPKEYIRPKEELESINDVFLEEKKEDGPQVPTIDLKNIESDDEKIRENCIEELKKASLD
WGV(MSE)HLINHGIPADL(MSE)ERVKKAGEEFFSLSVEEKEKYANDQATGKIQGYGSKLANNASGQLEWEDYFFHLAY
PEEKRDLSIWPKTPSDYIEATSEYAKCLRLLATKVFKALSVGLGLEPDRLEKEVGGLEELLLQ(MSE)KINYYPKCPQPE
LALGVEAHTDVSALTFILHN(MSE)VPGLQLFYEGKWVTAKCVPDSIV(MSE)HIGDTLEILSNGKYKSILHRGLVNKEK
VRISWAVFCEPPKDKIVLKPLPE(MSE)VSVESPAKFPPRTFAQHIEHKLFGKEQEELVSEKND
;
_entity_poly.pdbx_strand_id   A
#
loop_
_chem_comp.id
_chem_comp.type
_chem_comp.name
_chem_comp.formula
AKG non-polymer '2-OXOGLUTARIC ACID' 'C5 H6 O5'
MES non-polymer '2-(N-MORPHOLINO)-ETHANESULFONIC ACID' 'C6 H13 N O4 S'
#
# COMPACT_ATOMS: atom_id res chain seq x y z
N VAL A 2 3.88 23.61 -18.15
CA VAL A 2 3.06 22.99 -17.08
C VAL A 2 3.46 23.56 -15.71
N ALA A 3 2.49 23.67 -14.82
CA ALA A 3 2.76 24.18 -13.49
C ALA A 3 2.96 22.99 -12.55
N VAL A 4 3.93 23.11 -11.65
CA VAL A 4 4.20 22.04 -10.69
C VAL A 4 3.81 22.58 -9.31
N GLU A 5 2.71 22.08 -8.76
CA GLU A 5 2.29 22.54 -7.45
C GLU A 5 2.16 21.36 -6.49
N ARG A 6 3.00 21.35 -5.46
CA ARG A 6 2.99 20.29 -4.47
C ARG A 6 1.92 20.60 -3.43
N VAL A 7 1.27 19.57 -2.91
CA VAL A 7 0.23 19.76 -1.91
C VAL A 7 0.82 20.45 -0.67
N GLU A 8 2.06 20.11 -0.33
CA GLU A 8 2.70 20.73 0.83
C GLU A 8 2.75 22.25 0.64
N SER A 9 3.04 22.69 -0.58
CA SER A 9 3.11 24.12 -0.87
C SER A 9 1.74 24.75 -0.71
N LEU A 10 0.75 24.09 -1.30
CA LEU A 10 -0.62 24.56 -1.23
C LEU A 10 -1.07 24.60 0.24
N ALA A 11 -0.59 23.63 1.02
CA ALA A 11 -0.95 23.56 2.43
C ALA A 11 -0.34 24.68 3.27
N LYS A 12 0.65 25.36 2.72
CA LYS A 12 1.29 26.45 3.45
C LYS A 12 1.17 27.77 2.71
N SER A 13 0.32 27.83 1.69
CA SER A 13 0.15 29.05 0.91
C SER A 13 -0.78 30.06 1.56
N GLY A 14 -1.39 29.67 2.67
CA GLY A 14 -2.29 30.58 3.37
C GLY A 14 -3.74 30.49 2.91
N ILE A 15 -4.05 29.49 2.10
CA ILE A 15 -5.43 29.32 1.63
C ILE A 15 -6.30 28.94 2.83
N ILE A 16 -7.52 29.44 2.85
CA ILE A 16 -8.44 29.12 3.94
C ILE A 16 -9.29 27.95 3.46
N SER A 17 -9.49 27.91 2.15
CA SER A 17 -10.29 26.87 1.52
C SER A 17 -9.45 26.13 0.47
N ILE A 18 -9.65 24.82 0.36
CA ILE A 18 -8.90 24.03 -0.60
C ILE A 18 -9.41 24.24 -2.03
N PRO A 19 -8.53 24.12 -3.03
CA PRO A 19 -8.93 24.30 -4.43
C PRO A 19 -10.01 23.28 -4.83
N LYS A 20 -10.80 23.64 -5.84
CA LYS A 20 -11.89 22.80 -6.32
C LYS A 20 -11.45 21.38 -6.71
N GLU A 21 -10.31 21.27 -7.38
CA GLU A 21 -9.82 19.97 -7.83
C GLU A 21 -9.64 18.97 -6.70
N TYR A 22 -9.55 19.45 -5.47
CA TYR A 22 -9.38 18.57 -4.32
C TYR A 22 -10.67 18.17 -3.64
N ILE A 23 -11.77 18.83 -3.98
CA ILE A 23 -13.05 18.51 -3.37
C ILE A 23 -13.65 17.30 -4.07
N ARG A 24 -14.11 16.32 -3.29
CA ARG A 24 -14.70 15.11 -3.84
C ARG A 24 -16.11 15.36 -4.33
N PRO A 25 -16.62 14.51 -5.23
CA PRO A 25 -17.98 14.70 -5.74
C PRO A 25 -18.95 14.62 -4.56
N LYS A 26 -20.10 15.27 -4.70
CA LYS A 26 -21.11 15.29 -3.65
C LYS A 26 -21.44 13.93 -3.04
N GLU A 27 -21.61 12.91 -3.88
CA GLU A 27 -21.95 11.58 -3.37
C GLU A 27 -20.89 10.99 -2.46
N GLU A 28 -19.62 11.21 -2.81
CA GLU A 28 -18.52 10.68 -2.01
C GLU A 28 -18.36 11.41 -0.68
N LEU A 29 -18.60 12.72 -0.68
CA LEU A 29 -18.47 13.51 0.54
C LEU A 29 -19.34 13.01 1.70
N GLU A 30 -20.49 12.43 1.36
CA GLU A 30 -21.39 11.93 2.39
C GLU A 30 -20.79 10.84 3.28
N SER A 31 -19.79 10.13 2.77
CA SER A 31 -19.15 9.05 3.52
C SER A 31 -17.89 9.49 4.27
N ILE A 32 -17.46 10.72 4.03
CA ILE A 32 -16.26 11.24 4.68
C ILE A 32 -16.54 12.01 5.95
N ASN A 33 -16.03 11.49 7.07
CA ASN A 33 -16.19 12.14 8.38
C ASN A 33 -14.83 12.45 9.00
N ASP A 34 -14.83 13.00 10.21
CA ASP A 34 -13.59 13.35 10.91
C ASP A 34 -12.86 12.06 11.25
N VAL A 35 -11.61 11.94 10.79
CA VAL A 35 -10.83 10.75 11.05
C VAL A 35 -10.62 10.47 12.54
N PHE A 36 -10.45 11.52 13.34
CA PHE A 36 -10.24 11.33 14.76
C PHE A 36 -11.50 10.79 15.45
N LEU A 37 -12.66 11.23 14.99
CA LEU A 37 -13.91 10.73 15.54
C LEU A 37 -14.06 9.26 15.12
N GLU A 38 -13.84 9.00 13.83
CA GLU A 38 -13.93 7.66 13.28
C GLU A 38 -12.98 6.69 13.98
N GLU A 39 -11.75 7.16 14.24
CA GLU A 39 -10.76 6.34 14.91
C GLU A 39 -11.26 5.89 16.28
N LYS A 40 -11.97 6.78 16.97
CA LYS A 40 -12.49 6.49 18.29
C LYS A 40 -13.59 5.42 18.28
N LYS A 41 -14.43 5.44 17.25
CA LYS A 41 -15.51 4.47 17.15
C LYS A 41 -15.04 3.02 17.19
N GLU A 42 -15.68 2.24 18.07
CA GLU A 42 -15.34 0.84 18.23
C GLU A 42 -16.54 -0.03 17.84
N ASP A 43 -17.49 0.57 17.13
CA ASP A 43 -18.68 -0.12 16.68
C ASP A 43 -18.41 -0.74 15.31
N GLY A 44 -19.08 -1.86 15.02
CA GLY A 44 -18.92 -2.49 13.72
C GLY A 44 -17.66 -3.32 13.54
N PRO A 45 -17.52 -3.96 12.36
CA PRO A 45 -16.35 -4.80 12.06
C PRO A 45 -15.04 -4.04 12.23
N GLN A 46 -14.03 -4.73 12.72
CA GLN A 46 -12.72 -4.12 12.91
C GLN A 46 -11.66 -4.86 12.12
N VAL A 47 -10.64 -4.12 11.66
CA VAL A 47 -9.56 -4.73 10.92
C VAL A 47 -8.93 -5.78 11.85
N PRO A 48 -8.71 -6.99 11.34
CA PRO A 48 -8.11 -8.02 12.19
C PRO A 48 -6.62 -7.85 12.46
N THR A 49 -6.20 -8.31 13.64
CA THR A 49 -4.80 -8.27 14.01
C THR A 49 -4.35 -9.72 13.91
N ILE A 50 -3.31 -9.97 13.13
CA ILE A 50 -2.81 -11.32 12.94
C ILE A 50 -1.43 -11.45 13.55
N ASP A 51 -1.28 -12.44 14.42
CA ASP A 51 -0.01 -12.69 15.09
C ASP A 51 0.77 -13.72 14.29
N LEU A 52 1.93 -13.32 13.77
CA LEU A 52 2.75 -14.22 12.98
C LEU A 52 3.86 -14.90 13.77
N LYS A 53 3.86 -14.72 15.10
CA LYS A 53 4.90 -15.31 15.93
C LYS A 53 5.17 -16.79 15.67
N ASN A 54 4.11 -17.57 15.46
CA ASN A 54 4.28 -19.00 15.22
C ASN A 54 4.13 -19.43 13.77
N ILE A 55 4.28 -18.49 12.84
CA ILE A 55 4.12 -18.81 11.42
C ILE A 55 5.07 -19.91 10.96
N GLU A 56 6.26 -19.98 11.55
CA GLU A 56 7.22 -21.01 11.19
C GLU A 56 7.70 -21.75 12.43
N SER A 57 6.75 -22.15 13.27
CA SER A 57 7.06 -22.87 14.51
C SER A 57 7.25 -24.36 14.24
N ASP A 58 8.08 -24.99 15.07
CA ASP A 58 8.35 -26.41 14.96
C ASP A 58 7.12 -27.18 15.42
N ASP A 59 6.37 -26.57 16.33
CA ASP A 59 5.15 -27.17 16.87
C ASP A 59 4.08 -27.10 15.79
N GLU A 60 3.85 -28.21 15.10
CA GLU A 60 2.87 -28.29 14.03
C GLU A 60 1.50 -27.67 14.37
N LYS A 61 0.89 -28.11 15.46
CA LYS A 61 -0.43 -27.59 15.85
C LYS A 61 -0.42 -26.08 16.00
N ILE A 62 0.61 -25.55 16.66
CA ILE A 62 0.71 -24.11 16.87
C ILE A 62 0.91 -23.38 15.54
N ARG A 63 1.73 -23.94 14.67
CA ARG A 63 2.01 -23.34 13.38
C ARG A 63 0.75 -23.29 12.52
N GLU A 64 0.04 -24.42 12.43
CA GLU A 64 -1.17 -24.48 11.63
C GLU A 64 -2.22 -23.48 12.13
N ASN A 65 -2.28 -23.25 13.44
CA ASN A 65 -3.24 -22.30 13.97
C ASN A 65 -2.94 -20.92 13.41
N CYS A 66 -1.65 -20.57 13.41
CA CYS A 66 -1.21 -19.29 12.89
C CYS A 66 -1.63 -19.18 11.42
N ILE A 67 -1.20 -20.16 10.62
CA ILE A 67 -1.52 -20.17 9.19
C ILE A 67 -3.01 -20.06 8.94
N GLU A 68 -3.80 -20.74 9.76
CA GLU A 68 -5.25 -20.71 9.62
C GLU A 68 -5.79 -19.31 9.87
N GLU A 69 -5.29 -18.64 10.91
CA GLU A 69 -5.73 -17.28 11.22
C GLU A 69 -5.39 -16.32 10.07
N LEU A 70 -4.22 -16.50 9.48
CA LEU A 70 -3.79 -15.66 8.36
C LEU A 70 -4.71 -15.92 7.16
N LYS A 71 -4.99 -17.19 6.90
CA LYS A 71 -5.85 -17.58 5.80
C LYS A 71 -7.24 -16.97 5.97
N LYS A 72 -7.83 -17.14 7.15
CA LYS A 72 -9.15 -16.60 7.42
C LYS A 72 -9.24 -15.09 7.21
N ALA A 73 -8.26 -14.35 7.72
CA ALA A 73 -8.27 -12.89 7.56
C ALA A 73 -8.10 -12.48 6.10
N SER A 74 -7.25 -13.22 5.38
CA SER A 74 -7.00 -12.93 3.97
C SER A 74 -8.19 -13.22 3.08
N LEU A 75 -8.98 -14.22 3.44
CA LEU A 75 -10.16 -14.62 2.67
C LEU A 75 -11.36 -13.72 2.95
N ASP A 76 -11.37 -13.13 4.14
CA ASP A 76 -12.47 -12.27 4.57
C ASP A 76 -12.17 -10.79 4.33
N TRP A 77 -11.18 -10.26 5.05
CA TRP A 77 -10.79 -8.86 4.91
C TRP A 77 -9.78 -8.58 3.79
N GLY A 78 -8.75 -9.41 3.71
CA GLY A 78 -7.72 -9.19 2.71
C GLY A 78 -6.76 -8.12 3.20
N VAL A 79 -6.99 -7.63 4.41
CA VAL A 79 -6.15 -6.60 5.02
C VAL A 79 -6.11 -6.89 6.53
N MSE A 80 -4.97 -6.63 7.17
CA MSE A 80 -4.84 -6.92 8.60
C MSE A 80 -3.62 -6.22 9.22
O MSE A 80 -2.75 -5.75 8.50
CB MSE A 80 -4.65 -8.43 8.77
CG MSE A 80 -3.32 -8.89 8.17
SE MSE A 80 -3.28 -10.61 7.29
CE MSE A 80 -4.47 -10.23 5.82
N HIS A 81 -3.60 -6.14 10.55
CA HIS A 81 -2.45 -5.58 11.26
C HIS A 81 -1.61 -6.77 11.64
N LEU A 82 -0.36 -6.82 11.17
CA LEU A 82 0.51 -7.93 11.50
C LEU A 82 1.36 -7.56 12.73
N ILE A 83 1.50 -8.50 13.66
CA ILE A 83 2.32 -8.29 14.85
C ILE A 83 3.24 -9.50 14.99
N ASN A 84 4.36 -9.32 15.68
CA ASN A 84 5.34 -10.39 15.85
C ASN A 84 5.67 -10.90 14.46
N HIS A 85 5.90 -9.95 13.56
CA HIS A 85 6.22 -10.21 12.16
C HIS A 85 7.71 -10.42 11.89
N GLY A 86 8.52 -10.27 12.94
CA GLY A 86 9.94 -10.49 12.77
C GLY A 86 10.78 -9.30 12.35
N ILE A 87 10.15 -8.16 12.06
CA ILE A 87 10.90 -6.97 11.67
C ILE A 87 11.18 -6.15 12.92
N PRO A 88 12.45 -6.02 13.31
CA PRO A 88 12.88 -5.27 14.50
C PRO A 88 12.21 -3.91 14.65
N ALA A 89 11.68 -3.64 15.83
CA ALA A 89 11.01 -2.37 16.08
C ALA A 89 11.94 -1.17 15.84
N ASP A 90 13.20 -1.30 16.23
CA ASP A 90 14.14 -0.19 16.04
C ASP A 90 14.36 0.09 14.55
N LEU A 91 14.36 -0.95 13.73
CA LEU A 91 14.55 -0.77 12.30
C LEU A 91 13.39 0.04 11.71
N MSE A 92 12.17 -0.31 12.11
CA MSE A 92 11.00 0.41 11.64
C MSE A 92 11.05 1.87 12.11
O MSE A 92 10.74 2.78 11.34
CB MSE A 92 9.73 -0.26 12.15
CG MSE A 92 9.36 -1.49 11.34
SE MSE A 92 7.92 -2.53 12.08
CE MSE A 92 6.78 -1.13 12.76
N GLU A 93 11.48 2.07 13.35
CA GLU A 93 11.59 3.43 13.90
C GLU A 93 12.63 4.23 13.12
N ARG A 94 13.72 3.60 12.71
CA ARG A 94 14.77 4.27 11.96
C ARG A 94 14.30 4.65 10.56
N VAL A 95 13.54 3.75 9.94
CA VAL A 95 12.99 4.01 8.60
C VAL A 95 12.06 5.21 8.64
N LYS A 96 11.15 5.22 9.60
CA LYS A 96 10.19 6.30 9.73
C LYS A 96 10.87 7.62 10.07
N LYS A 97 11.91 7.55 10.90
CA LYS A 97 12.63 8.75 11.27
C LYS A 97 13.27 9.36 10.02
N ALA A 98 13.94 8.53 9.23
CA ALA A 98 14.60 9.01 8.02
C ALA A 98 13.59 9.60 7.04
N GLY A 99 12.40 9.01 6.97
CA GLY A 99 11.37 9.51 6.09
C GLY A 99 10.90 10.89 6.53
N GLU A 100 10.66 11.05 7.83
CA GLU A 100 10.22 12.32 8.38
C GLU A 100 11.27 13.39 8.09
N GLU A 101 12.54 13.03 8.28
CA GLU A 101 13.62 13.96 8.03
C GLU A 101 13.67 14.38 6.56
N PHE A 102 13.47 13.44 5.64
CA PHE A 102 13.49 13.82 4.23
C PHE A 102 12.39 14.81 3.92
N PHE A 103 11.17 14.50 4.36
CA PHE A 103 10.05 15.39 4.08
C PHE A 103 10.08 16.71 4.85
N SER A 104 10.93 16.80 5.87
CA SER A 104 11.05 18.03 6.63
C SER A 104 11.89 19.02 5.82
N LEU A 105 12.53 18.53 4.77
CA LEU A 105 13.30 19.41 3.90
C LEU A 105 12.29 20.34 3.22
N SER A 106 12.75 21.47 2.71
CA SER A 106 11.85 22.40 2.04
C SER A 106 11.39 21.78 0.73
N VAL A 107 10.26 22.24 0.21
CA VAL A 107 9.77 21.72 -1.05
C VAL A 107 10.85 21.93 -2.10
N GLU A 108 11.49 23.10 -2.05
CA GLU A 108 12.54 23.42 -3.00
C GLU A 108 13.68 22.40 -2.95
N GLU A 109 14.09 22.01 -1.75
CA GLU A 109 15.14 21.00 -1.63
C GLU A 109 14.66 19.67 -2.20
N LYS A 110 13.42 19.31 -1.89
CA LYS A 110 12.87 18.05 -2.38
C LYS A 110 12.71 18.03 -3.91
N GLU A 111 12.52 19.20 -4.52
CA GLU A 111 12.36 19.24 -5.97
C GLU A 111 13.63 18.77 -6.70
N LYS A 112 14.76 18.76 -6.00
CA LYS A 112 15.99 18.30 -6.60
C LYS A 112 15.87 16.81 -6.92
N TYR A 113 14.90 16.16 -6.28
CA TYR A 113 14.65 14.74 -6.48
C TYR A 113 13.37 14.49 -7.29
N ALA A 114 12.81 15.54 -7.88
CA ALA A 114 11.57 15.42 -8.65
C ALA A 114 11.55 14.34 -9.71
N ASN A 115 10.46 13.56 -9.76
CA ASN A 115 10.38 12.54 -10.79
C ASN A 115 10.01 13.26 -12.09
N ASP A 116 9.93 12.52 -13.19
CA ASP A 116 9.58 13.13 -14.47
C ASP A 116 8.83 12.10 -15.29
N GLN A 117 7.52 12.07 -15.11
CA GLN A 117 6.66 11.10 -15.79
C GLN A 117 6.67 11.19 -17.31
N ALA A 118 6.89 12.39 -17.84
CA ALA A 118 6.91 12.57 -19.29
C ALA A 118 8.04 11.79 -19.96
N THR A 119 9.09 11.45 -19.20
CA THR A 119 10.21 10.71 -19.78
C THR A 119 10.36 9.32 -19.15
N GLY A 120 9.34 8.88 -18.44
CA GLY A 120 9.38 7.57 -17.82
C GLY A 120 10.13 7.50 -16.51
N LYS A 121 10.61 8.63 -16.02
CA LYS A 121 11.34 8.63 -14.75
C LYS A 121 10.32 8.70 -13.63
N ILE A 122 9.73 7.55 -13.30
CA ILE A 122 8.71 7.51 -12.27
C ILE A 122 9.26 7.61 -10.85
N GLN A 123 10.54 7.34 -10.68
CA GLN A 123 11.14 7.39 -9.35
C GLN A 123 11.49 8.81 -8.90
N GLY A 124 11.33 9.04 -7.60
CA GLY A 124 11.64 10.35 -7.05
C GLY A 124 10.47 11.01 -6.35
N TYR A 125 10.60 12.32 -6.14
CA TYR A 125 9.60 13.13 -5.46
C TYR A 125 8.51 13.55 -6.45
N GLY A 126 7.25 13.42 -6.05
CA GLY A 126 6.18 13.80 -6.95
C GLY A 126 4.81 13.89 -6.29
N SER A 127 3.79 14.01 -7.13
CA SER A 127 2.42 14.08 -6.66
C SER A 127 1.55 13.59 -7.81
N LYS A 128 0.43 12.96 -7.50
CA LYS A 128 -0.44 12.40 -8.53
C LYS A 128 -0.94 13.45 -9.51
N LEU A 129 -0.72 13.19 -10.79
CA LEU A 129 -1.15 14.08 -11.86
C LEU A 129 -2.54 13.61 -12.28
N ALA A 130 -3.43 14.56 -12.60
CA ALA A 130 -4.78 14.20 -13.03
C ALA A 130 -4.70 13.28 -14.25
N ASN A 131 -5.40 12.15 -14.20
CA ASN A 131 -5.36 11.19 -15.30
C ASN A 131 -6.72 10.89 -15.95
N ASN A 132 -7.72 11.72 -15.68
CA ASN A 132 -9.03 11.52 -16.26
C ASN A 132 -9.77 12.82 -16.41
N ALA A 133 -10.93 12.78 -17.07
CA ALA A 133 -11.74 13.95 -17.33
C ALA A 133 -12.10 14.80 -16.11
N SER A 134 -12.39 14.15 -14.98
CA SER A 134 -12.76 14.89 -13.77
C SER A 134 -11.68 15.86 -13.32
N GLY A 135 -10.42 15.45 -13.41
CA GLY A 135 -9.35 16.33 -12.97
C GLY A 135 -9.19 16.32 -11.47
N GLN A 136 -9.72 15.29 -10.83
CA GLN A 136 -9.65 15.14 -9.37
C GLN A 136 -8.22 14.95 -8.88
N LEU A 137 -7.89 15.60 -7.77
CA LEU A 137 -6.55 15.48 -7.19
C LEU A 137 -6.69 15.06 -5.72
N GLU A 138 -5.69 14.36 -5.20
CA GLU A 138 -5.72 13.92 -3.81
C GLU A 138 -4.76 14.75 -2.97
N TRP A 139 -5.06 14.91 -1.69
CA TRP A 139 -4.24 15.70 -0.77
C TRP A 139 -2.98 14.94 -0.35
N GLU A 140 -2.03 14.80 -1.26
CA GLU A 140 -0.84 14.04 -0.94
C GLU A 140 0.36 14.30 -1.87
N ASP A 141 1.55 14.19 -1.29
CA ASP A 141 2.81 14.29 -2.05
C ASP A 141 3.48 12.95 -1.73
N TYR A 142 4.44 12.53 -2.53
CA TYR A 142 5.07 11.26 -2.27
C TYR A 142 6.48 11.16 -2.79
N PHE A 143 7.15 10.08 -2.39
CA PHE A 143 8.49 9.80 -2.87
C PHE A 143 8.40 8.33 -3.25
N PHE A 144 8.82 8.00 -4.46
CA PHE A 144 8.71 6.63 -4.94
C PHE A 144 10.03 6.10 -5.50
N HIS A 145 10.34 4.84 -5.20
CA HIS A 145 11.55 4.21 -5.74
C HIS A 145 11.60 2.72 -5.56
N LEU A 146 12.21 2.03 -6.50
CA LEU A 146 12.34 0.59 -6.40
C LEU A 146 13.28 0.35 -5.24
N ALA A 147 12.97 -0.63 -4.40
CA ALA A 147 13.82 -0.91 -3.24
C ALA A 147 14.47 -2.28 -3.23
N TYR A 148 13.99 -3.21 -4.06
CA TYR A 148 14.53 -4.56 -4.10
C TYR A 148 14.03 -5.25 -5.37
N PRO A 149 14.83 -6.13 -5.99
CA PRO A 149 16.19 -6.58 -5.67
C PRO A 149 17.20 -5.45 -5.67
N GLU A 150 18.26 -5.60 -4.89
CA GLU A 150 19.29 -4.57 -4.80
C GLU A 150 19.95 -4.23 -6.12
N GLU A 151 20.13 -5.22 -6.99
CA GLU A 151 20.77 -4.98 -8.28
C GLU A 151 19.96 -4.08 -9.21
N LYS A 152 18.64 -4.01 -8.98
CA LYS A 152 17.78 -3.18 -9.83
C LYS A 152 17.57 -1.76 -9.33
N ARG A 153 18.10 -1.46 -8.15
CA ARG A 153 17.92 -0.14 -7.58
C ARG A 153 18.74 0.92 -8.29
N ASP A 154 18.27 2.17 -8.21
CA ASP A 154 18.99 3.30 -8.78
C ASP A 154 19.25 4.16 -7.55
N LEU A 155 20.30 3.84 -6.81
CA LEU A 155 20.62 4.57 -5.60
C LEU A 155 20.86 6.06 -5.79
N SER A 156 21.18 6.49 -7.01
CA SER A 156 21.44 7.91 -7.25
C SER A 156 20.23 8.79 -7.02
N ILE A 157 19.03 8.22 -7.04
CA ILE A 157 17.85 9.04 -6.82
C ILE A 157 17.33 9.01 -5.39
N TRP A 158 17.88 8.13 -4.57
CA TRP A 158 17.45 8.02 -3.18
C TRP A 158 17.90 9.25 -2.39
N PRO A 159 17.09 9.67 -1.41
CA PRO A 159 17.40 10.83 -0.57
C PRO A 159 18.81 10.76 0.03
N LYS A 160 19.52 11.88 -0.02
CA LYS A 160 20.87 11.95 0.54
C LYS A 160 20.78 12.55 1.93
N THR A 161 19.58 12.97 2.30
CA THR A 161 19.30 13.52 3.63
C THR A 161 18.05 12.79 4.10
N PRO A 162 18.11 12.12 5.26
CA PRO A 162 19.27 11.99 6.16
C PRO A 162 20.33 11.08 5.56
N SER A 163 21.53 11.13 6.14
CA SER A 163 22.66 10.36 5.65
C SER A 163 22.45 8.83 5.71
N ASP A 164 21.53 8.37 6.55
CA ASP A 164 21.29 6.94 6.67
C ASP A 164 20.02 6.46 5.98
N TYR A 165 19.45 7.27 5.08
CA TYR A 165 18.24 6.85 4.39
C TYR A 165 18.46 5.52 3.66
N ILE A 166 19.49 5.49 2.83
CA ILE A 166 19.81 4.30 2.06
C ILE A 166 20.07 3.07 2.93
N GLU A 167 20.81 3.25 4.02
CA GLU A 167 21.13 2.17 4.93
C GLU A 167 19.90 1.58 5.64
N ALA A 168 19.07 2.45 6.21
CA ALA A 168 17.88 2.00 6.92
C ALA A 168 16.86 1.39 5.96
N THR A 169 16.65 2.05 4.82
CA THR A 169 15.68 1.59 3.84
C THR A 169 16.05 0.24 3.22
N SER A 170 17.33 0.08 2.86
CA SER A 170 17.79 -1.17 2.25
C SER A 170 17.72 -2.33 3.24
N GLU A 171 17.99 -2.05 4.51
CA GLU A 171 17.92 -3.05 5.55
C GLU A 171 16.46 -3.46 5.74
N TYR A 172 15.59 -2.45 5.73
CA TYR A 172 14.18 -2.71 5.89
C TYR A 172 13.63 -3.53 4.73
N ALA A 173 14.09 -3.21 3.52
CA ALA A 173 13.65 -3.94 2.33
C ALA A 173 14.07 -5.41 2.38
N LYS A 174 15.30 -5.66 2.79
CA LYS A 174 15.79 -7.05 2.88
C LYS A 174 14.94 -7.84 3.86
N CYS A 175 14.63 -7.22 4.99
CA CYS A 175 13.81 -7.86 6.00
C CYS A 175 12.40 -8.13 5.50
N LEU A 176 11.81 -7.18 4.79
CA LEU A 176 10.46 -7.36 4.25
C LEU A 176 10.42 -8.46 3.21
N ARG A 177 11.50 -8.60 2.44
CA ARG A 177 11.55 -9.63 1.41
C ARG A 177 11.46 -11.02 2.03
N LEU A 178 12.04 -11.17 3.22
CA LEU A 178 12.02 -12.45 3.93
C LEU A 178 10.63 -12.70 4.49
N LEU A 179 10.01 -11.65 4.99
CA LEU A 179 8.67 -11.76 5.54
C LEU A 179 7.68 -12.10 4.43
N ALA A 180 7.91 -11.54 3.25
CA ALA A 180 7.04 -11.81 2.11
C ALA A 180 7.07 -13.30 1.79
N THR A 181 8.26 -13.88 1.77
CA THR A 181 8.41 -15.31 1.49
C THR A 181 7.67 -16.15 2.52
N LYS A 182 7.68 -15.70 3.77
CA LYS A 182 6.99 -16.41 4.84
C LYS A 182 5.48 -16.35 4.62
N VAL A 183 4.99 -15.17 4.26
CA VAL A 183 3.56 -14.99 4.02
C VAL A 183 3.09 -15.77 2.80
N PHE A 184 3.87 -15.72 1.73
CA PHE A 184 3.54 -16.42 0.49
C PHE A 184 3.39 -17.91 0.72
N LYS A 185 4.28 -18.47 1.52
CA LYS A 185 4.25 -19.89 1.83
C LYS A 185 2.99 -20.23 2.61
N ALA A 186 2.71 -19.46 3.65
CA ALA A 186 1.53 -19.69 4.46
C ALA A 186 0.26 -19.55 3.63
N LEU A 187 0.23 -18.56 2.74
CA LEU A 187 -0.96 -18.36 1.90
C LEU A 187 -1.06 -19.48 0.86
N SER A 188 0.08 -19.96 0.38
CA SER A 188 0.10 -21.05 -0.58
C SER A 188 -0.53 -22.29 0.06
N VAL A 189 -0.05 -22.63 1.25
CA VAL A 189 -0.56 -23.78 2.00
C VAL A 189 -2.05 -23.59 2.26
N GLY A 190 -2.43 -22.34 2.55
CA GLY A 190 -3.82 -22.04 2.82
C GLY A 190 -4.73 -22.42 1.67
N LEU A 191 -4.23 -22.31 0.44
CA LEU A 191 -5.03 -22.65 -0.73
C LEU A 191 -4.88 -24.12 -1.12
N GLY A 192 -4.12 -24.87 -0.32
CA GLY A 192 -3.92 -26.28 -0.61
C GLY A 192 -2.89 -26.48 -1.72
N LEU A 193 -2.04 -25.46 -1.90
CA LEU A 193 -1.01 -25.51 -2.92
C LEU A 193 0.33 -25.80 -2.25
N GLU A 194 1.34 -26.16 -3.05
CA GLU A 194 2.67 -26.41 -2.49
C GLU A 194 3.16 -25.10 -1.90
N PRO A 195 3.92 -25.16 -0.79
CA PRO A 195 4.44 -23.98 -0.09
C PRO A 195 5.06 -22.88 -0.97
N ASP A 196 5.88 -23.28 -1.94
CA ASP A 196 6.57 -22.34 -2.79
C ASP A 196 5.80 -21.83 -4.00
N ARG A 197 4.58 -22.33 -4.19
CA ARG A 197 3.78 -21.97 -5.36
C ARG A 197 3.47 -20.49 -5.61
N LEU A 198 2.85 -19.82 -4.66
CA LEU A 198 2.50 -18.41 -4.89
C LEU A 198 3.67 -17.51 -5.18
N GLU A 199 4.76 -17.63 -4.42
CA GLU A 199 5.91 -16.78 -4.67
C GLU A 199 6.50 -17.04 -6.05
N LYS A 200 6.50 -18.31 -6.46
CA LYS A 200 7.01 -18.66 -7.78
C LYS A 200 6.15 -18.01 -8.86
N GLU A 201 4.83 -18.07 -8.68
CA GLU A 201 3.89 -17.49 -9.63
C GLU A 201 4.02 -15.98 -9.77
N VAL A 202 4.55 -15.31 -8.75
CA VAL A 202 4.71 -13.87 -8.83
C VAL A 202 6.13 -13.41 -9.18
N GLY A 203 7.00 -14.36 -9.52
CA GLY A 203 8.35 -13.99 -9.91
C GLY A 203 9.50 -14.52 -9.07
N GLY A 204 9.22 -14.98 -7.86
CA GLY A 204 10.27 -15.49 -7.02
C GLY A 204 11.28 -14.42 -6.60
N LEU A 205 12.42 -14.86 -6.08
CA LEU A 205 13.45 -13.93 -5.62
C LEU A 205 14.08 -13.09 -6.72
N GLU A 206 14.08 -13.62 -7.94
CA GLU A 206 14.69 -12.93 -9.07
C GLU A 206 13.84 -11.88 -9.78
N GLU A 207 12.53 -12.11 -9.86
CA GLU A 207 11.67 -11.16 -10.56
C GLU A 207 10.70 -10.34 -9.72
N LEU A 208 10.41 -10.80 -8.51
CA LEU A 208 9.49 -10.06 -7.63
C LEU A 208 10.16 -8.74 -7.27
N LEU A 209 9.44 -7.64 -7.44
CA LEU A 209 9.99 -6.32 -7.14
C LEU A 209 9.36 -5.71 -5.88
N LEU A 210 10.16 -4.96 -5.14
CA LEU A 210 9.64 -4.27 -3.97
C LEU A 210 9.77 -2.78 -4.28
N GLN A 211 8.64 -2.10 -4.32
CA GLN A 211 8.60 -0.67 -4.60
C GLN A 211 8.28 0.05 -3.31
N MSE A 212 9.01 1.11 -3.02
CA MSE A 212 8.78 1.88 -1.81
C MSE A 212 8.11 3.19 -2.16
O MSE A 212 8.55 3.93 -3.03
CB MSE A 212 10.11 2.17 -1.08
CG MSE A 212 10.03 3.27 0.00
SE MSE A 212 8.80 2.92 1.47
CE MSE A 212 9.94 1.84 2.58
N LYS A 213 7.00 3.48 -1.47
CA LYS A 213 6.29 4.72 -1.69
C LYS A 213 6.01 5.38 -0.36
N ILE A 214 6.67 6.50 -0.11
CA ILE A 214 6.43 7.22 1.11
C ILE A 214 5.33 8.22 0.78
N ASN A 215 4.22 8.13 1.51
CA ASN A 215 3.08 9.01 1.27
C ASN A 215 3.07 10.12 2.32
N TYR A 216 3.10 11.36 1.85
CA TYR A 216 3.11 12.53 2.73
C TYR A 216 1.79 13.28 2.65
N TYR A 217 1.05 13.33 3.76
CA TYR A 217 -0.23 14.04 3.78
C TYR A 217 -0.14 15.28 4.65
N PRO A 218 0.03 16.45 4.02
CA PRO A 218 0.12 17.70 4.78
C PRO A 218 -1.21 17.96 5.47
N LYS A 219 -1.20 18.75 6.54
CA LYS A 219 -2.45 19.09 7.21
C LYS A 219 -3.33 19.74 6.14
N CYS A 220 -4.64 19.48 6.21
CA CYS A 220 -5.60 20.02 5.25
C CYS A 220 -6.61 20.92 5.96
N PRO A 221 -6.83 22.15 5.43
CA PRO A 221 -7.77 23.10 6.02
C PRO A 221 -9.23 22.65 6.01
N GLN A 222 -9.60 21.90 4.99
CA GLN A 222 -10.97 21.37 4.86
C GLN A 222 -10.85 19.87 4.67
N PRO A 223 -10.36 19.17 5.71
CA PRO A 223 -10.14 17.73 5.73
C PRO A 223 -11.30 16.85 5.28
N GLU A 224 -12.53 17.29 5.54
CA GLU A 224 -13.68 16.50 5.16
C GLU A 224 -14.18 16.66 3.73
N LEU A 225 -13.48 17.48 2.95
CA LEU A 225 -13.86 17.68 1.55
C LEU A 225 -12.91 16.95 0.62
N ALA A 226 -11.81 16.44 1.18
CA ALA A 226 -10.81 15.78 0.36
C ALA A 226 -10.38 14.40 0.84
N LEU A 227 -9.57 13.74 0.03
CA LEU A 227 -9.03 12.43 0.35
C LEU A 227 -7.52 12.48 0.18
N GLY A 228 -6.79 11.78 1.04
CA GLY A 228 -5.35 11.73 0.89
C GLY A 228 -5.06 10.75 -0.23
N VAL A 229 -5.85 9.68 -0.27
CA VAL A 229 -5.75 8.65 -1.29
C VAL A 229 -7.17 8.29 -1.71
N GLU A 230 -7.43 8.22 -3.01
CA GLU A 230 -8.76 7.89 -3.52
C GLU A 230 -9.09 6.43 -3.22
N ALA A 231 -10.36 6.07 -3.34
CA ALA A 231 -10.79 4.69 -3.09
C ALA A 231 -10.21 3.81 -4.21
N HIS A 232 -9.53 2.72 -3.83
CA HIS A 232 -8.90 1.86 -4.83
C HIS A 232 -8.43 0.55 -4.19
N THR A 233 -7.96 -0.38 -5.02
CA THR A 233 -7.39 -1.63 -4.53
C THR A 233 -5.95 -1.66 -5.02
N ASP A 234 -5.06 -2.29 -4.26
CA ASP A 234 -3.66 -2.40 -4.66
C ASP A 234 -3.55 -3.45 -5.76
N VAL A 235 -2.68 -3.22 -6.74
CA VAL A 235 -2.51 -4.17 -7.82
C VAL A 235 -1.39 -5.17 -7.52
N SER A 236 -0.64 -4.88 -6.46
CA SER A 236 0.48 -5.72 -6.03
C SER A 236 0.02 -7.11 -5.61
N ALA A 237 0.97 -7.96 -5.26
CA ALA A 237 0.68 -9.30 -4.77
C ALA A 237 0.41 -9.08 -3.29
N LEU A 238 1.32 -8.34 -2.65
CA LEU A 238 1.22 -7.99 -1.24
C LEU A 238 1.75 -6.58 -1.01
N THR A 239 1.17 -5.88 -0.04
CA THR A 239 1.61 -4.54 0.31
C THR A 239 1.80 -4.48 1.82
N PHE A 240 2.96 -3.99 2.26
CA PHE A 240 3.27 -3.87 3.69
C PHE A 240 3.39 -2.39 3.97
N ILE A 241 2.64 -1.91 4.94
CA ILE A 241 2.63 -0.48 5.24
C ILE A 241 2.93 -0.10 6.68
N LEU A 242 3.69 0.98 6.83
CA LEU A 242 4.04 1.55 8.13
C LEU A 242 3.45 2.95 8.09
N HIS A 243 3.17 3.53 9.25
CA HIS A 243 2.66 4.90 9.29
C HIS A 243 3.11 5.55 10.58
N ASN A 244 3.03 6.88 10.64
CA ASN A 244 3.48 7.59 11.82
C ASN A 244 2.43 7.71 12.91
N MSE A 245 1.66 6.65 13.10
CA MSE A 245 0.62 6.59 14.14
C MSE A 245 -0.40 7.73 14.09
O MSE A 245 -0.87 8.20 15.14
CB MSE A 245 1.26 6.51 15.52
CG MSE A 245 2.08 5.24 15.78
SE MSE A 245 1.17 3.66 15.59
CE MSE A 245 0.28 3.56 17.13
N VAL A 246 -0.73 8.18 12.89
CA VAL A 246 -1.75 9.22 12.70
C VAL A 246 -2.77 8.46 11.84
N PRO A 247 -4.03 8.38 12.31
CA PRO A 247 -5.05 7.64 11.55
C PRO A 247 -5.36 8.23 10.18
N GLY A 248 -5.89 7.39 9.29
CA GLY A 248 -6.23 7.85 7.97
C GLY A 248 -6.71 6.74 7.07
N LEU A 249 -6.12 5.55 7.22
CA LEU A 249 -6.52 4.41 6.40
C LEU A 249 -7.94 3.95 6.72
N GLN A 250 -8.74 3.77 5.69
CA GLN A 250 -10.10 3.28 5.83
C GLN A 250 -10.29 2.15 4.84
N LEU A 251 -11.10 1.16 5.21
CA LEU A 251 -11.35 0.00 4.36
C LEU A 251 -12.85 -0.12 4.04
N PHE A 252 -13.17 -0.46 2.80
CA PHE A 252 -14.57 -0.60 2.42
C PHE A 252 -14.94 -2.06 2.66
N TYR A 253 -15.54 -2.31 3.82
CA TYR A 253 -15.91 -3.66 4.24
C TYR A 253 -17.42 -3.79 4.45
N GLU A 254 -18.02 -4.79 3.81
CA GLU A 254 -19.46 -5.01 3.90
C GLU A 254 -20.24 -3.75 3.52
N GLY A 255 -19.75 -3.04 2.52
CA GLY A 255 -20.43 -1.84 2.05
C GLY A 255 -20.30 -0.63 2.94
N LYS A 256 -19.43 -0.68 3.95
CA LYS A 256 -19.23 0.47 4.82
C LYS A 256 -17.74 0.78 4.97
N TRP A 257 -17.43 2.05 5.17
CA TRP A 257 -16.06 2.48 5.35
C TRP A 257 -15.62 2.33 6.79
N VAL A 258 -14.71 1.39 7.02
CA VAL A 258 -14.19 1.11 8.36
C VAL A 258 -12.85 1.81 8.56
N THR A 259 -12.67 2.40 9.73
CA THR A 259 -11.44 3.11 10.05
C THR A 259 -10.46 2.22 10.79
N ALA A 260 -9.25 2.12 10.25
CA ALA A 260 -8.21 1.30 10.86
C ALA A 260 -7.67 1.98 12.11
N LYS A 261 -7.50 1.21 13.18
CA LYS A 261 -6.97 1.74 14.43
C LYS A 261 -5.45 1.56 14.41
N CYS A 262 -4.73 2.46 15.06
CA CYS A 262 -3.27 2.38 15.08
C CYS A 262 -2.80 1.35 16.09
N VAL A 263 -2.07 0.35 15.60
CA VAL A 263 -1.55 -0.73 16.44
C VAL A 263 -0.03 -0.60 16.49
N PRO A 264 0.53 -0.35 17.69
CA PRO A 264 1.97 -0.19 17.91
C PRO A 264 2.85 -1.33 17.39
N ASP A 265 3.93 -0.98 16.71
CA ASP A 265 4.89 -1.95 16.18
C ASP A 265 4.31 -2.91 15.14
N SER A 266 3.08 -2.67 14.70
CA SER A 266 2.48 -3.55 13.71
C SER A 266 2.80 -3.07 12.30
N ILE A 267 2.53 -3.94 11.34
CA ILE A 267 2.74 -3.62 9.93
C ILE A 267 1.42 -3.99 9.27
N VAL A 268 0.82 -3.03 8.57
CA VAL A 268 -0.43 -3.32 7.90
C VAL A 268 -0.08 -4.10 6.64
N MSE A 269 -0.82 -5.17 6.37
CA MSE A 269 -0.57 -5.93 5.17
C MSE A 269 -1.85 -6.06 4.37
O MSE A 269 -2.92 -6.38 4.92
CB MSE A 269 -0.01 -7.31 5.46
CG MSE A 269 0.40 -8.03 4.18
SE MSE A 269 0.83 -9.90 4.36
CE MSE A 269 -0.93 -10.63 4.15
N HIS A 270 -1.74 -5.81 3.08
CA HIS A 270 -2.85 -5.92 2.14
C HIS A 270 -2.59 -7.05 1.17
N ILE A 271 -3.64 -7.78 0.83
CA ILE A 271 -3.58 -8.82 -0.19
C ILE A 271 -3.84 -7.90 -1.38
N GLY A 272 -3.07 -8.03 -2.45
CA GLY A 272 -3.29 -7.18 -3.61
C GLY A 272 -3.98 -7.89 -4.75
N ASP A 273 -4.32 -7.15 -5.81
CA ASP A 273 -5.00 -7.70 -6.98
C ASP A 273 -4.31 -8.94 -7.55
N THR A 274 -2.99 -8.92 -7.58
CA THR A 274 -2.24 -10.05 -8.13
C THR A 274 -2.58 -11.36 -7.41
N LEU A 275 -2.62 -11.35 -6.08
CA LEU A 275 -2.97 -12.57 -5.35
C LEU A 275 -4.46 -12.88 -5.44
N GLU A 276 -5.28 -11.83 -5.52
CA GLU A 276 -6.71 -12.04 -5.65
C GLU A 276 -7.01 -12.74 -6.99
N ILE A 277 -6.33 -12.29 -8.05
CA ILE A 277 -6.51 -12.89 -9.36
C ILE A 277 -6.03 -14.35 -9.36
N LEU A 278 -4.81 -14.59 -8.88
CA LEU A 278 -4.25 -15.94 -8.84
C LEU A 278 -5.11 -16.91 -8.03
N SER A 279 -5.67 -16.42 -6.93
CA SER A 279 -6.51 -17.26 -6.05
C SER A 279 -7.96 -17.30 -6.52
N ASN A 280 -8.22 -16.71 -7.68
CA ASN A 280 -9.56 -16.66 -8.25
C ASN A 280 -10.59 -16.00 -7.32
N GLY A 281 -10.17 -14.95 -6.63
CA GLY A 281 -11.07 -14.24 -5.74
C GLY A 281 -11.14 -14.71 -4.31
N LYS A 282 -10.48 -15.82 -3.98
CA LYS A 282 -10.52 -16.32 -2.61
C LYS A 282 -9.88 -15.31 -1.67
N TYR A 283 -8.64 -14.91 -1.96
CA TYR A 283 -7.98 -13.91 -1.15
C TYR A 283 -8.46 -12.57 -1.70
N LYS A 284 -8.88 -11.69 -0.80
CA LYS A 284 -9.45 -10.40 -1.21
C LYS A 284 -8.54 -9.18 -1.30
N SER A 285 -8.62 -8.46 -2.41
CA SER A 285 -7.88 -7.21 -2.57
C SER A 285 -8.97 -6.18 -2.26
N ILE A 286 -8.95 -5.69 -1.03
CA ILE A 286 -9.97 -4.76 -0.56
C ILE A 286 -9.83 -3.31 -1.01
N LEU A 287 -10.98 -2.69 -1.24
CA LEU A 287 -11.01 -1.28 -1.61
C LEU A 287 -10.67 -0.50 -0.35
N HIS A 288 -9.85 0.53 -0.49
CA HIS A 288 -9.50 1.33 0.67
C HIS A 288 -9.16 2.75 0.21
N ARG A 289 -9.07 3.65 1.17
CA ARG A 289 -8.77 5.04 0.87
C ARG A 289 -8.07 5.65 2.07
N GLY A 290 -7.65 6.90 1.92
CA GLY A 290 -6.96 7.57 3.01
C GLY A 290 -7.51 8.95 3.27
N LEU A 291 -7.77 9.23 4.55
CA LEU A 291 -8.27 10.54 4.96
C LEU A 291 -7.15 11.45 5.45
N VAL A 292 -7.36 12.74 5.32
CA VAL A 292 -6.37 13.70 5.80
C VAL A 292 -7.04 14.43 6.95
N ASN A 293 -6.31 15.32 7.62
CA ASN A 293 -6.88 16.05 8.74
C ASN A 293 -6.20 17.41 8.86
N LYS A 294 -6.76 18.27 9.70
CA LYS A 294 -6.23 19.61 9.89
C LYS A 294 -5.26 19.75 11.05
N GLU A 295 -5.16 18.73 11.89
CA GLU A 295 -4.30 18.81 13.06
C GLU A 295 -2.88 18.24 12.95
N LYS A 296 -2.73 17.11 12.29
CA LYS A 296 -1.41 16.48 12.18
C LYS A 296 -1.06 15.99 10.79
N VAL A 297 0.22 16.08 10.45
CA VAL A 297 0.73 15.60 9.16
C VAL A 297 0.77 14.08 9.28
N ARG A 298 0.27 13.38 8.26
CA ARG A 298 0.29 11.93 8.29
C ARG A 298 1.30 11.45 7.26
N ILE A 299 2.00 10.36 7.59
CA ILE A 299 2.99 9.81 6.68
C ILE A 299 2.87 8.30 6.71
N SER A 300 2.93 7.68 5.55
CA SER A 300 2.86 6.22 5.49
C SER A 300 3.97 5.76 4.57
N TRP A 301 4.46 4.55 4.80
CA TRP A 301 5.53 3.94 4.02
C TRP A 301 4.96 2.64 3.49
N ALA A 302 4.59 2.64 2.21
CA ALA A 302 4.02 1.46 1.60
C ALA A 302 5.02 0.80 0.67
N VAL A 303 5.24 -0.50 0.87
CA VAL A 303 6.15 -1.23 0.00
C VAL A 303 5.30 -2.25 -0.75
N PHE A 304 5.23 -2.09 -2.07
CA PHE A 304 4.45 -2.99 -2.89
C PHE A 304 5.33 -4.10 -3.45
N CYS A 305 4.90 -5.34 -3.23
CA CYS A 305 5.62 -6.51 -3.74
C CYS A 305 4.91 -6.85 -5.03
N GLU A 306 5.50 -6.48 -6.16
CA GLU A 306 4.86 -6.73 -7.44
C GLU A 306 5.61 -7.67 -8.35
N PRO A 307 4.88 -8.35 -9.22
CA PRO A 307 5.46 -9.30 -10.19
C PRO A 307 6.02 -8.46 -11.32
N PRO A 308 6.88 -9.04 -12.18
CA PRO A 308 7.41 -8.25 -13.29
C PRO A 308 6.21 -7.76 -14.10
N LYS A 309 6.29 -6.54 -14.65
CA LYS A 309 5.15 -5.99 -15.36
C LYS A 309 4.71 -6.60 -16.69
N ASP A 310 5.60 -7.27 -17.40
CA ASP A 310 5.21 -7.84 -18.70
C ASP A 310 5.41 -9.35 -18.76
N LYS A 311 6.43 -9.82 -18.07
CA LYS A 311 6.83 -11.23 -18.07
C LYS A 311 5.80 -12.28 -17.65
N ILE A 312 4.82 -11.91 -16.83
CA ILE A 312 3.85 -12.88 -16.35
C ILE A 312 2.40 -12.57 -16.68
N VAL A 313 1.71 -13.53 -17.27
CA VAL A 313 0.29 -13.37 -17.59
C VAL A 313 -0.46 -13.76 -16.34
N LEU A 314 -1.17 -12.80 -15.74
CA LEU A 314 -1.92 -13.05 -14.51
C LEU A 314 -3.34 -13.55 -14.78
N LYS A 315 -3.68 -14.66 -14.16
CA LYS A 315 -4.99 -15.26 -14.32
C LYS A 315 -5.17 -16.23 -13.17
N PRO A 316 -6.40 -16.66 -12.91
CA PRO A 316 -6.60 -17.61 -11.82
C PRO A 316 -5.78 -18.87 -12.09
N LEU A 317 -5.15 -19.41 -11.06
CA LEU A 317 -4.35 -20.62 -11.20
C LEU A 317 -5.31 -21.76 -11.56
N PRO A 318 -4.89 -22.69 -12.43
CA PRO A 318 -5.74 -23.80 -12.83
C PRO A 318 -6.41 -24.52 -11.66
N GLU A 319 -5.67 -24.74 -10.59
CA GLU A 319 -6.19 -25.42 -9.41
C GLU A 319 -7.35 -24.68 -8.77
N MSE A 320 -7.50 -23.39 -9.08
CA MSE A 320 -8.56 -22.56 -8.52
C MSE A 320 -9.77 -22.46 -9.44
O MSE A 320 -10.78 -21.85 -9.08
CB MSE A 320 -8.03 -21.15 -8.24
CG MSE A 320 -6.82 -21.09 -7.34
SE MSE A 320 -7.22 -21.64 -5.55
CE MSE A 320 -6.33 -23.34 -5.53
N VAL A 321 -9.67 -23.03 -10.64
CA VAL A 321 -10.78 -22.95 -11.59
C VAL A 321 -11.37 -24.32 -11.92
N SER A 322 -12.69 -24.37 -12.08
CA SER A 322 -13.40 -25.60 -12.41
C SER A 322 -14.78 -25.26 -12.96
N VAL A 323 -15.52 -26.28 -13.40
CA VAL A 323 -16.84 -26.05 -13.95
C VAL A 323 -17.75 -25.39 -12.94
N GLU A 324 -17.56 -25.74 -11.66
CA GLU A 324 -18.37 -25.18 -10.59
C GLU A 324 -17.83 -23.86 -10.07
N SER A 325 -16.55 -23.61 -10.31
CA SER A 325 -15.90 -22.37 -9.87
C SER A 325 -15.21 -21.71 -11.06
N PRO A 326 -16.00 -21.14 -11.98
CA PRO A 326 -15.42 -20.49 -13.16
C PRO A 326 -14.46 -19.35 -12.81
N ALA A 327 -13.59 -19.02 -13.76
CA ALA A 327 -12.61 -17.96 -13.58
C ALA A 327 -13.32 -16.63 -13.37
N LYS A 328 -12.98 -15.92 -12.29
CA LYS A 328 -13.58 -14.63 -12.01
C LYS A 328 -12.81 -13.50 -12.67
N PHE A 329 -11.67 -13.83 -13.27
CA PHE A 329 -10.84 -12.85 -13.96
C PHE A 329 -10.22 -13.45 -15.21
N PRO A 330 -10.18 -12.68 -16.31
CA PRO A 330 -9.60 -13.14 -17.58
C PRO A 330 -8.09 -12.87 -17.51
N PRO A 331 -7.30 -13.51 -18.38
CA PRO A 331 -5.84 -13.32 -18.38
C PRO A 331 -5.34 -11.93 -18.80
N ARG A 332 -4.39 -11.41 -18.05
CA ARG A 332 -3.79 -10.09 -18.31
C ARG A 332 -2.44 -10.03 -17.62
N THR A 333 -1.48 -9.34 -18.22
CA THR A 333 -0.18 -9.18 -17.59
C THR A 333 -0.40 -8.08 -16.55
N PHE A 334 0.56 -7.91 -15.65
CA PHE A 334 0.48 -6.88 -14.62
C PHE A 334 0.17 -5.52 -15.26
N ALA A 335 0.97 -5.14 -16.26
CA ALA A 335 0.78 -3.87 -16.95
C ALA A 335 -0.60 -3.75 -17.60
N GLN A 336 -1.11 -4.85 -18.13
CA GLN A 336 -2.42 -4.85 -18.78
C GLN A 336 -3.56 -4.71 -17.77
N HIS A 337 -3.35 -5.23 -16.56
CA HIS A 337 -4.35 -5.15 -15.51
C HIS A 337 -4.48 -3.68 -15.06
N ILE A 338 -3.33 -3.05 -14.85
CA ILE A 338 -3.29 -1.65 -14.43
C ILE A 338 -4.02 -0.77 -15.44
N GLU A 339 -3.68 -0.96 -16.71
CA GLU A 339 -4.32 -0.19 -17.78
C GLU A 339 -5.82 -0.45 -17.84
N HIS A 340 -6.24 -1.69 -17.62
CA HIS A 340 -7.65 -2.01 -17.66
C HIS A 340 -8.44 -1.30 -16.56
N LYS A 341 -7.84 -1.18 -15.37
CA LYS A 341 -8.52 -0.50 -14.28
C LYS A 341 -8.63 0.99 -14.61
N LEU A 342 -7.60 1.55 -15.24
CA LEU A 342 -7.65 2.96 -15.62
C LEU A 342 -8.75 3.13 -16.64
N PHE A 343 -8.69 2.31 -17.68
CA PHE A 343 -9.67 2.32 -18.76
C PHE A 343 -11.08 2.35 -18.19
N GLY A 344 -11.28 1.65 -17.08
CA GLY A 344 -12.58 1.60 -16.44
C GLY A 344 -12.99 2.95 -15.87
N LYS A 345 -12.09 3.56 -15.11
CA LYS A 345 -12.36 4.86 -14.50
C LYS A 345 -12.38 5.96 -15.57
N GLU A 346 -11.42 5.90 -16.49
CA GLU A 346 -11.33 6.89 -17.57
C GLU A 346 -12.65 6.95 -18.31
N GLN A 347 -13.13 5.78 -18.72
CA GLN A 347 -14.41 5.69 -19.44
C GLN A 347 -15.55 6.17 -18.55
N GLU A 348 -15.71 5.62 -17.43
C1 AKG B . -0.91 3.33 -1.27
O1 AKG B . 0.29 3.71 -1.06
O2 AKG B . -1.45 2.66 -2.18
C2 AKG B . -1.96 3.79 -0.18
O5 AKG B . -3.11 3.41 -0.39
C3 AKG B . -1.46 4.61 0.96
C4 AKG B . -1.60 3.86 2.27
C5 AKG B . -1.72 4.63 3.55
O3 AKG B . -2.06 4.06 4.58
O4 AKG B . -1.46 5.92 3.51
O1 MES C . -12.50 16.89 -9.84
C2 MES C . -13.34 15.83 -9.37
C3 MES C . -14.78 16.29 -9.08
N4 MES C . -14.76 17.49 -8.14
C5 MES C . -13.83 18.59 -8.70
C6 MES C . -12.44 18.00 -8.93
C7 MES C . -16.14 18.08 -7.93
C8 MES C . -16.25 18.79 -6.58
S MES C . -16.66 20.53 -6.80
O1S MES C . -15.38 21.16 -7.10
O2S MES C . -17.19 21.00 -5.54
O3S MES C . -17.60 20.60 -7.90
#